data_4NON
#
_entry.id   4NON
#
_cell.length_a   43.684
_cell.length_b   120.768
_cell.length_c   49.291
_cell.angle_alpha   90.000
_cell.angle_beta   93.990
_cell.angle_gamma   90.000
#
_symmetry.space_group_name_H-M   'P 1 21 1'
#
loop_
_entity.id
_entity.type
_entity.pdbx_description
1 polymer 'Ferrous iron uptake transporter protein B'
2 non-polymer "GUANOSINE-5'-DIPHOSPHATE"
3 water water
#
_entity_poly.entity_id   1
_entity_poly.type   'polypeptide(L)'
_entity_poly.pdbx_seq_one_letter_code
;MTEIALIGNPNSGKTSLFNLITGHNQRVGNWPGVTVERKSGLVKKNKDLEIQDLPGIYSMSPYSPEEKVARDYLLSQRAD
SILNVVDATNLERNLYLTTQLIETGIPVTIALNMIDVLDGQGKKINVDKLSYHLGVPVVATSSLKQTGVDQVVKKAAHTT
TSTVGDLAFPIYDDRLEAAISQILEVLGNSVPQRSARFYAIKLFEQDSLVEAELDLSQFQRKEIEDIIRITEEIFTEDAE
SIVINERYAFIERVCQMAES
;
_entity_poly.pdbx_strand_id   A,B
#
loop_
_chem_comp.id
_chem_comp.type
_chem_comp.name
_chem_comp.formula
GDP RNA linking GUANOSINE-5'-DIPHOSPHATE 'C10 H15 N5 O11 P2'
#
# COMPACT_ATOMS: atom_id res chain seq x y z
N MET A 1 -19.41 -2.73 -3.87
CA MET A 1 -18.30 -2.69 -4.88
C MET A 1 -17.53 -1.37 -4.87
N THR A 2 -18.15 -0.29 -4.41
CA THR A 2 -17.44 0.98 -4.15
C THR A 2 -17.47 1.26 -2.64
N GLU A 3 -16.30 1.61 -2.09
CA GLU A 3 -16.14 1.84 -0.66
C GLU A 3 -15.84 3.32 -0.39
N ILE A 4 -16.59 3.93 0.52
CA ILE A 4 -16.46 5.35 0.83
C ILE A 4 -16.18 5.56 2.32
N ALA A 5 -15.02 6.14 2.62
CA ALA A 5 -14.63 6.45 4.00
C ALA A 5 -15.29 7.75 4.46
N LEU A 6 -16.20 7.66 5.44
CA LEU A 6 -16.84 8.82 6.02
C LEU A 6 -16.03 9.26 7.24
N ILE A 7 -15.57 10.52 7.24
CA ILE A 7 -14.73 11.02 8.33
C ILE A 7 -14.86 12.53 8.53
N GLY A 8 -14.65 12.97 9.76
CA GLY A 8 -14.68 14.39 10.10
C GLY A 8 -14.33 14.65 11.56
N ASN A 9 -14.35 15.92 11.95
CA ASN A 9 -14.21 16.28 13.35
C ASN A 9 -15.39 15.74 14.16
N PRO A 10 -15.20 15.55 15.48
CA PRO A 10 -16.34 15.30 16.35
C PRO A 10 -17.32 16.47 16.32
N ASN A 11 -18.60 16.16 16.52
CA ASN A 11 -19.68 17.17 16.48
C ASN A 11 -19.75 17.95 15.16
N SER A 12 -19.44 17.27 14.06
CA SER A 12 -19.64 17.82 12.71
C SER A 12 -20.91 17.25 12.07
N GLY A 13 -21.56 16.30 12.75
CA GLY A 13 -22.77 15.66 12.23
C GLY A 13 -22.50 14.42 11.41
N LYS A 14 -21.43 13.69 11.76
CA LYS A 14 -21.06 12.48 11.02
C LYS A 14 -22.04 11.33 11.26
N THR A 15 -22.43 11.12 12.51
CA THR A 15 -23.35 10.04 12.87
C THR A 15 -24.74 10.28 12.28
N SER A 16 -25.24 11.50 12.41
CA SER A 16 -26.56 11.88 11.90
C SER A 16 -26.64 11.63 10.39
N LEU A 17 -25.59 12.03 9.69
CA LEU A 17 -25.51 11.88 8.24
C LEU A 17 -25.33 10.41 7.87
N PHE A 18 -24.50 9.70 8.62
CA PHE A 18 -24.30 8.27 8.44
C PHE A 18 -25.61 7.49 8.57
N ASN A 19 -26.38 7.80 9.61
CA ASN A 19 -27.67 7.11 9.89
C ASN A 19 -28.73 7.40 8.84
N LEU A 20 -28.68 8.59 8.24
CA LEU A 20 -29.61 8.98 7.19
C LEU A 20 -29.28 8.24 5.88
N ILE A 21 -27.99 8.11 5.59
CA ILE A 21 -27.53 7.43 4.37
C ILE A 21 -27.74 5.92 4.44
N THR A 22 -27.35 5.31 5.56
CA THR A 22 -27.31 3.86 5.69
C THR A 22 -28.56 3.24 6.31
N GLY A 23 -29.25 3.98 7.17
CA GLY A 23 -30.55 3.56 7.71
C GLY A 23 -30.51 2.27 8.53
N HIS A 24 -31.21 1.25 8.04
CA HIS A 24 -31.29 -0.05 8.72
C HIS A 24 -30.39 -1.09 8.03
N ASN A 25 -29.20 -0.66 7.64
CA ASN A 25 -28.21 -1.53 6.99
C ASN A 25 -26.84 -1.43 7.66
N GLN A 26 -26.83 -1.23 8.97
CA GLN A 26 -25.59 -0.97 9.71
C GLN A 26 -25.05 -2.21 10.43
N ARG A 27 -23.73 -2.31 10.49
CA ARG A 27 -23.04 -3.35 11.24
C ARG A 27 -22.08 -2.66 12.21
N VAL A 28 -22.19 -2.99 13.49
CA VAL A 28 -21.44 -2.29 14.55
C VAL A 28 -20.57 -3.26 15.35
N GLY A 29 -19.25 -3.10 15.24
CA GLY A 29 -18.28 -3.87 16.02
C GLY A 29 -17.22 -2.95 16.57
N ASN A 30 -15.97 -3.39 16.56
CA ASN A 30 -14.84 -2.54 16.95
C ASN A 30 -13.57 -2.93 16.22
N TRP A 31 -12.57 -2.05 16.30
CA TRP A 31 -11.29 -2.29 15.66
C TRP A 31 -10.45 -3.23 16.52
N PRO A 32 -9.58 -4.05 15.89
CA PRO A 32 -8.83 -5.11 16.58
C PRO A 32 -8.09 -4.69 17.85
N GLY A 33 -8.45 -5.32 18.97
CA GLY A 33 -7.73 -5.17 20.23
C GLY A 33 -7.79 -3.79 20.86
N VAL A 34 -8.78 -2.99 20.46
CA VAL A 34 -8.90 -1.62 20.94
C VAL A 34 -10.39 -1.26 21.05
N THR A 35 -10.72 -0.37 21.98
CA THR A 35 -12.11 -0.05 22.30
C THR A 35 -12.78 0.95 21.34
N VAL A 36 -12.10 1.32 20.26
CA VAL A 36 -12.67 2.24 19.28
C VAL A 36 -13.75 1.50 18.49
N GLU A 37 -14.96 2.04 18.52
CA GLU A 37 -16.09 1.44 17.80
C GLU A 37 -15.91 1.55 16.29
N ARG A 38 -16.31 0.50 15.57
CA ARG A 38 -16.22 0.45 14.12
C ARG A 38 -17.60 0.24 13.53
N LYS A 39 -18.10 1.23 12.81
CA LYS A 39 -19.40 1.16 12.15
C LYS A 39 -19.22 1.09 10.64
N SER A 40 -20.03 0.25 10.00
CA SER A 40 -20.06 0.13 8.55
C SER A 40 -21.51 0.00 8.09
N GLY A 41 -21.77 0.27 6.82
CA GLY A 41 -23.13 0.14 6.30
C GLY A 41 -23.27 0.45 4.82
N LEU A 42 -24.28 -0.13 4.19
CA LEU A 42 -24.55 0.06 2.77
C LEU A 42 -25.53 1.20 2.55
N VAL A 43 -25.37 1.90 1.43
CA VAL A 43 -26.21 3.05 1.12
C VAL A 43 -27.61 2.58 0.74
N LYS A 44 -28.62 3.06 1.46
CA LYS A 44 -30.02 2.66 1.24
C LYS A 44 -30.43 2.69 -0.22
N LYS A 45 -30.10 3.77 -0.91
CA LYS A 45 -30.50 3.98 -2.30
C LYS A 45 -29.57 3.32 -3.32
N ASN A 46 -28.47 2.74 -2.85
CA ASN A 46 -27.57 1.96 -3.71
C ASN A 46 -26.70 1.00 -2.88
N LYS A 47 -27.15 -0.25 -2.79
CA LYS A 47 -26.48 -1.28 -2.01
C LYS A 47 -25.06 -1.64 -2.47
N ASP A 48 -24.68 -1.24 -3.69
CA ASP A 48 -23.32 -1.47 -4.19
C ASP A 48 -22.30 -0.51 -3.55
N LEU A 49 -22.79 0.54 -2.90
CA LEU A 49 -21.93 1.47 -2.17
C LEU A 49 -21.85 1.06 -0.70
N GLU A 50 -20.64 0.94 -0.18
CA GLU A 50 -20.44 0.69 1.25
C GLU A 50 -19.77 1.90 1.91
N ILE A 51 -20.39 2.41 2.97
CA ILE A 51 -19.83 3.49 3.77
C ILE A 51 -19.03 2.92 4.94
N GLN A 52 -17.74 3.23 5.01
CA GLN A 52 -16.94 2.91 6.19
C GLN A 52 -16.85 4.13 7.08
N ASP A 53 -17.59 4.12 8.18
CA ASP A 53 -17.52 5.21 9.14
C ASP A 53 -16.21 5.11 9.91
N LEU A 54 -15.46 6.20 9.96
CA LEU A 54 -14.23 6.27 10.74
C LEU A 54 -14.45 7.13 11.98
N PRO A 55 -13.62 6.95 13.03
CA PRO A 55 -13.74 7.77 14.23
C PRO A 55 -13.50 9.27 13.99
N GLY A 56 -14.18 10.11 14.78
CA GLY A 56 -14.04 11.55 14.67
C GLY A 56 -12.72 12.03 15.24
N ILE A 57 -11.97 12.80 14.46
CA ILE A 57 -10.64 13.27 14.85
C ILE A 57 -10.42 14.71 14.42
N TYR A 58 -9.47 15.39 15.06
CA TYR A 58 -9.14 16.77 14.73
C TYR A 58 -7.92 16.87 13.82
N SER A 59 -7.11 15.82 13.81
CA SER A 59 -5.94 15.74 12.92
C SER A 59 -5.49 14.30 12.80
N MET A 60 -4.44 14.05 12.01
CA MET A 60 -3.91 12.70 11.84
C MET A 60 -2.55 12.58 12.52
N SER A 61 -2.55 12.82 13.83
CA SER A 61 -1.37 12.62 14.66
C SER A 61 -1.28 11.15 15.06
N PRO A 62 -0.11 10.71 15.54
CA PRO A 62 0.05 9.30 15.88
C PRO A 62 -0.15 8.96 17.37
N TYR A 63 -0.65 9.91 18.16
CA TYR A 63 -0.66 9.77 19.62
C TYR A 63 -2.04 9.42 20.20
N SER A 64 -2.83 8.66 19.45
CA SER A 64 -4.11 8.11 19.94
C SER A 64 -4.59 7.01 19.00
N PRO A 65 -5.32 6.01 19.54
CA PRO A 65 -5.79 4.91 18.70
C PRO A 65 -6.82 5.34 17.63
N GLU A 66 -7.64 6.34 17.93
CA GLU A 66 -8.63 6.85 16.97
C GLU A 66 -7.99 7.36 15.69
N GLU A 67 -6.90 8.11 15.86
CA GLU A 67 -6.19 8.72 14.73
C GLU A 67 -5.33 7.69 14.01
N LYS A 68 -4.70 6.80 14.79
CA LYS A 68 -3.90 5.71 14.24
C LYS A 68 -4.75 4.77 13.38
N VAL A 69 -6.01 4.56 13.79
CA VAL A 69 -6.95 3.75 13.02
C VAL A 69 -7.34 4.45 11.72
N ALA A 70 -7.75 5.72 11.82
CA ALA A 70 -8.13 6.49 10.65
C ALA A 70 -7.00 6.54 9.63
N ARG A 71 -5.79 6.77 10.13
CA ARG A 71 -4.60 6.86 9.28
C ARG A 71 -4.34 5.54 8.56
N ASP A 72 -4.30 4.46 9.32
CA ASP A 72 -3.99 3.14 8.78
C ASP A 72 -5.02 2.68 7.74
N TYR A 73 -6.28 3.06 7.93
CA TYR A 73 -7.34 2.71 6.96
C TYR A 73 -7.16 3.47 5.65
N LEU A 74 -6.90 4.77 5.73
CA LEU A 74 -6.79 5.61 4.55
C LEU A 74 -5.52 5.34 3.74
N LEU A 75 -4.42 5.05 4.42
CA LEU A 75 -3.17 4.71 3.73
C LEU A 75 -3.19 3.33 3.06
N SER A 76 -4.06 2.44 3.53
CA SER A 76 -4.17 1.09 2.98
C SER A 76 -4.87 1.05 1.62
N GLN A 77 -5.58 2.13 1.29
CA GLN A 77 -6.32 2.24 0.02
C GLN A 77 -7.48 1.24 -0.07
N ARG A 78 -8.08 0.92 1.08
CA ARG A 78 -9.29 0.11 1.13
C ARG A 78 -10.52 0.93 0.69
N ALA A 79 -10.46 2.24 0.92
CA ALA A 79 -11.50 3.16 0.46
C ALA A 79 -11.20 3.67 -0.95
N ASP A 80 -12.24 3.82 -1.75
CA ASP A 80 -12.12 4.37 -3.10
C ASP A 80 -12.27 5.89 -3.08
N SER A 81 -12.94 6.40 -2.03
CA SER A 81 -13.24 7.80 -1.91
C SER A 81 -13.36 8.21 -0.46
N ILE A 82 -13.01 9.46 -0.16
CA ILE A 82 -13.24 10.04 1.15
C ILE A 82 -14.43 11.00 1.07
N LEU A 83 -15.40 10.80 1.95
CA LEU A 83 -16.51 11.73 2.10
C LEU A 83 -16.30 12.50 3.41
N ASN A 84 -15.70 13.69 3.29
CA ASN A 84 -15.28 14.47 4.44
C ASN A 84 -16.40 15.37 4.96
N VAL A 85 -16.93 15.04 6.13
CA VAL A 85 -18.00 15.84 6.74
C VAL A 85 -17.41 17.04 7.45
N VAL A 86 -17.71 18.24 6.93
CA VAL A 86 -17.17 19.48 7.47
C VAL A 86 -18.29 20.32 8.08
N ASP A 87 -18.12 20.69 9.34
CA ASP A 87 -19.05 21.59 10.03
C ASP A 87 -18.87 23.01 9.50
N ALA A 88 -19.90 23.51 8.81
CA ALA A 88 -19.82 24.80 8.12
C ALA A 88 -19.68 25.99 9.07
N THR A 89 -20.23 25.87 10.28
CA THR A 89 -20.18 26.95 11.27
C THR A 89 -18.78 27.14 11.89
N ASN A 90 -17.95 26.10 11.81
CA ASN A 90 -16.60 26.14 12.37
C ASN A 90 -15.58 25.75 11.29
N LEU A 91 -15.68 26.41 10.14
CA LEU A 91 -15.01 26.01 8.91
C LEU A 91 -13.49 25.99 8.98
N GLU A 92 -12.90 27.02 9.59
CA GLU A 92 -11.44 27.15 9.64
C GLU A 92 -10.80 25.97 10.39
N ARG A 93 -11.30 25.68 11.59
CA ARG A 93 -10.81 24.53 12.37
C ARG A 93 -11.02 23.19 11.67
N ASN A 94 -12.18 23.03 11.04
CA ASN A 94 -12.51 21.77 10.36
C ASN A 94 -11.59 21.42 9.19
N LEU A 95 -11.16 22.43 8.45
CA LEU A 95 -10.37 22.22 7.24
C LEU A 95 -8.93 21.76 7.49
N TYR A 96 -8.48 21.85 8.74
CA TYR A 96 -7.14 21.36 9.11
C TYR A 96 -7.01 19.87 8.83
N LEU A 97 -8.05 19.11 9.18
CA LEU A 97 -8.09 17.69 8.88
C LEU A 97 -8.22 17.46 7.37
N THR A 98 -9.01 18.30 6.72
CA THR A 98 -9.26 18.18 5.28
C THR A 98 -7.97 18.26 4.46
N THR A 99 -7.10 19.20 4.80
CA THR A 99 -5.82 19.35 4.10
C THR A 99 -4.98 18.07 4.18
N GLN A 100 -5.06 17.39 5.33
CA GLN A 100 -4.33 16.15 5.55
C GLN A 100 -5.00 15.00 4.81
N LEU A 101 -6.33 15.02 4.74
CA LEU A 101 -7.10 14.00 4.01
C LEU A 101 -6.87 14.06 2.49
N ILE A 102 -6.76 15.26 1.95
CA ILE A 102 -6.49 15.46 0.52
C ILE A 102 -5.10 14.89 0.17
N GLU A 103 -4.16 15.04 1.10
CA GLU A 103 -2.79 14.56 0.90
C GLU A 103 -2.63 13.04 0.92
N THR A 104 -3.64 12.32 1.43
CA THR A 104 -3.59 10.87 1.47
C THR A 104 -3.60 10.26 0.06
N GLY A 105 -4.21 10.98 -0.89
CA GLY A 105 -4.27 10.53 -2.27
C GLY A 105 -5.60 9.91 -2.65
N ILE A 106 -6.41 9.56 -1.64
CA ILE A 106 -7.77 9.11 -1.88
C ILE A 106 -8.58 10.39 -2.13
N PRO A 107 -9.35 10.44 -3.25
CA PRO A 107 -10.13 11.64 -3.56
C PRO A 107 -11.13 12.05 -2.47
N VAL A 108 -11.18 13.34 -2.19
CA VAL A 108 -12.06 13.89 -1.15
C VAL A 108 -13.25 14.60 -1.78
N THR A 109 -14.43 14.30 -1.29
CA THR A 109 -15.63 15.06 -1.56
C THR A 109 -16.10 15.61 -0.21
N ILE A 110 -16.48 16.88 -0.18
CA ILE A 110 -16.84 17.52 1.09
C ILE A 110 -18.35 17.66 1.28
N ALA A 111 -18.84 17.14 2.40
CA ALA A 111 -20.21 17.39 2.83
C ALA A 111 -20.20 18.59 3.75
N LEU A 112 -20.42 19.78 3.19
CA LEU A 112 -20.43 21.01 3.98
C LEU A 112 -21.70 21.02 4.84
N ASN A 113 -21.57 20.44 6.04
CA ASN A 113 -22.72 20.04 6.83
C ASN A 113 -23.26 21.14 7.75
N MET A 114 -24.49 20.95 8.23
CA MET A 114 -25.16 21.89 9.12
C MET A 114 -25.28 23.26 8.46
N ILE A 115 -25.65 23.26 7.18
CA ILE A 115 -25.75 24.49 6.39
C ILE A 115 -26.95 25.33 6.81
N ASP A 116 -28.00 24.68 7.31
CA ASP A 116 -29.15 25.38 7.88
C ASP A 116 -28.77 26.23 9.10
N VAL A 117 -27.78 25.77 9.86
CA VAL A 117 -27.33 26.49 11.05
C VAL A 117 -26.56 27.73 10.65
N LEU A 118 -25.81 27.65 9.55
CA LEU A 118 -25.07 28.80 9.01
C LEU A 118 -26.03 29.89 8.51
N ASP A 119 -27.19 29.46 8.02
CA ASP A 119 -28.23 30.40 7.58
C ASP A 119 -28.82 31.19 8.75
N GLY A 120 -28.86 30.57 9.93
CA GLY A 120 -29.36 31.21 11.14
C GLY A 120 -28.35 32.12 11.84
N GLN A 121 -27.12 32.15 11.35
CA GLN A 121 -26.05 32.97 11.94
C GLN A 121 -25.67 34.19 11.11
N GLY A 122 -26.11 34.25 9.86
CA GLY A 122 -25.84 35.40 8.98
C GLY A 122 -24.57 35.29 8.15
N LYS A 123 -23.84 34.20 8.31
CA LYS A 123 -22.64 33.94 7.52
C LYS A 123 -23.03 33.28 6.20
N LYS A 124 -22.16 33.41 5.20
CA LYS A 124 -22.39 32.81 3.89
C LYS A 124 -21.08 32.24 3.33
N ILE A 125 -21.13 30.99 2.88
CA ILE A 125 -19.99 30.34 2.26
C ILE A 125 -20.29 30.10 0.78
N ASN A 126 -19.46 30.69 -0.08
CA ASN A 126 -19.56 30.49 -1.52
C ASN A 126 -18.99 29.11 -1.89
N VAL A 127 -19.89 28.20 -2.26
CA VAL A 127 -19.55 26.79 -2.43
C VAL A 127 -18.63 26.54 -3.63
N ASP A 128 -18.90 27.22 -4.74
CA ASP A 128 -18.05 27.09 -5.93
C ASP A 128 -16.62 27.59 -5.65
N LYS A 129 -16.50 28.74 -4.99
CA LYS A 129 -15.19 29.29 -4.62
C LYS A 129 -14.45 28.35 -3.68
N LEU A 130 -15.17 27.85 -2.67
CA LEU A 130 -14.61 26.89 -1.72
C LEU A 130 -14.08 25.66 -2.47
N SER A 131 -14.86 25.20 -3.44
CA SER A 131 -14.51 24.02 -4.22
C SER A 131 -13.29 24.27 -5.11
N TYR A 132 -13.23 25.43 -5.73
CA TYR A 132 -12.11 25.79 -6.60
C TYR A 132 -10.78 25.90 -5.83
N HIS A 133 -10.85 26.41 -4.59
CA HIS A 133 -9.63 26.69 -3.83
C HIS A 133 -9.11 25.49 -3.04
N LEU A 134 -10.02 24.68 -2.49
CA LEU A 134 -9.63 23.41 -1.88
C LEU A 134 -9.27 22.39 -2.96
N GLY A 135 -9.80 22.59 -4.16
CA GLY A 135 -9.59 21.67 -5.27
C GLY A 135 -10.38 20.40 -5.14
N VAL A 136 -11.49 20.45 -4.40
CA VAL A 136 -12.36 19.29 -4.20
C VAL A 136 -13.81 19.67 -4.45
N PRO A 137 -14.65 18.68 -4.84
CA PRO A 137 -16.08 18.96 -4.96
C PRO A 137 -16.72 19.21 -3.60
N VAL A 138 -17.70 20.09 -3.56
CA VAL A 138 -18.38 20.46 -2.32
C VAL A 138 -19.89 20.50 -2.53
N VAL A 139 -20.62 19.85 -1.64
CA VAL A 139 -22.07 19.89 -1.61
C VAL A 139 -22.54 20.31 -0.23
N ALA A 140 -23.45 21.28 -0.17
CA ALA A 140 -24.05 21.72 1.09
C ALA A 140 -25.00 20.65 1.59
N THR A 141 -24.90 20.31 2.87
CA THR A 141 -25.76 19.29 3.45
C THR A 141 -26.37 19.72 4.78
N SER A 142 -27.59 19.25 5.03
CA SER A 142 -28.23 19.34 6.34
C SER A 142 -28.85 17.98 6.64
N SER A 143 -28.46 17.40 7.77
CA SER A 143 -29.05 16.14 8.24
C SER A 143 -30.46 16.39 8.78
N LEU A 144 -30.68 17.58 9.34
CA LEU A 144 -31.99 17.97 9.88
C LEU A 144 -33.02 18.18 8.77
N LYS A 145 -32.69 19.06 7.83
CA LYS A 145 -33.59 19.36 6.71
C LYS A 145 -33.57 18.30 5.61
N GLN A 146 -32.62 17.38 5.69
CA GLN A 146 -32.49 16.28 4.74
C GLN A 146 -32.34 16.79 3.30
N THR A 147 -31.36 17.67 3.12
CA THR A 147 -31.09 18.27 1.82
C THR A 147 -29.63 18.06 1.41
N GLY A 148 -29.42 17.70 0.14
CA GLY A 148 -28.09 17.53 -0.42
C GLY A 148 -27.35 16.27 -0.01
N VAL A 149 -28.05 15.34 0.65
CA VAL A 149 -27.42 14.11 1.14
C VAL A 149 -27.23 13.06 0.05
N ASP A 150 -28.25 12.86 -0.78
CA ASP A 150 -28.14 11.95 -1.92
C ASP A 150 -27.21 12.53 -2.97
N GLN A 151 -27.18 13.86 -3.07
CA GLN A 151 -26.29 14.54 -4.00
C GLN A 151 -24.81 14.33 -3.61
N VAL A 152 -24.49 14.47 -2.33
CA VAL A 152 -23.09 14.37 -1.87
C VAL A 152 -22.57 12.93 -1.86
N VAL A 153 -23.46 11.97 -1.58
CA VAL A 153 -23.08 10.56 -1.63
C VAL A 153 -22.82 10.13 -3.07
N LYS A 154 -23.68 10.60 -3.97
CA LYS A 154 -23.54 10.32 -5.41
C LYS A 154 -22.22 10.87 -5.94
N LYS A 155 -21.88 12.11 -5.54
CA LYS A 155 -20.65 12.75 -5.96
C LYS A 155 -19.43 12.02 -5.42
N ALA A 156 -19.54 11.53 -4.18
CA ALA A 156 -18.49 10.73 -3.57
C ALA A 156 -18.29 9.42 -4.33
N ALA A 157 -19.41 8.78 -4.69
CA ALA A 157 -19.38 7.51 -5.41
C ALA A 157 -18.74 7.61 -6.80
N HIS A 158 -18.81 8.79 -7.41
CA HIS A 158 -18.23 9.02 -8.74
C HIS A 158 -16.90 9.75 -8.72
N THR A 159 -16.48 10.23 -7.56
CA THR A 159 -15.18 10.86 -7.38
C THR A 159 -14.29 9.88 -6.64
N THR A 160 -13.71 8.93 -7.36
CA THR A 160 -12.93 7.86 -6.77
C THR A 160 -11.53 7.79 -7.36
N THR A 161 -10.68 6.95 -6.74
CA THR A 161 -9.32 6.68 -7.22
C THR A 161 -9.31 6.20 -8.68
N SER A 162 -10.38 5.53 -9.10
CA SER A 162 -10.53 5.12 -10.50
C SER A 162 -10.91 6.27 -11.43
N THR A 163 -11.71 7.22 -10.96
CA THR A 163 -12.24 8.28 -11.82
C THR A 163 -11.38 9.55 -11.86
N VAL A 164 -10.83 9.95 -10.72
CA VAL A 164 -9.99 11.14 -10.66
C VAL A 164 -8.58 10.81 -11.15
N GLY A 165 -8.20 11.42 -12.27
CA GLY A 165 -6.91 11.16 -12.89
C GLY A 165 -5.77 12.00 -12.34
N ASP A 166 -6.03 13.27 -12.07
CA ASP A 166 -4.98 14.21 -11.68
C ASP A 166 -5.35 15.02 -10.42
N LEU A 167 -4.80 14.62 -9.28
CA LEU A 167 -5.13 15.23 -7.99
C LEU A 167 -4.38 16.53 -7.77
N ALA A 168 -5.10 17.53 -7.24
CA ALA A 168 -4.53 18.84 -6.94
C ALA A 168 -4.37 19.01 -5.44
N PHE A 169 -3.13 19.00 -4.97
CA PHE A 169 -2.84 19.14 -3.55
C PHE A 169 -2.76 20.63 -3.18
N PRO A 170 -3.03 20.96 -1.90
CA PRO A 170 -2.81 22.31 -1.40
C PRO A 170 -1.35 22.75 -1.53
N ILE A 171 -1.14 23.91 -2.13
CA ILE A 171 0.21 24.46 -2.29
C ILE A 171 0.56 25.32 -1.08
N TYR A 172 1.71 25.04 -0.48
CA TYR A 172 2.20 25.79 0.67
C TYR A 172 3.36 26.70 0.24
N ASP A 173 3.99 27.37 1.20
CA ASP A 173 5.16 28.21 0.94
C ASP A 173 6.19 27.47 0.07
N ASP A 174 6.73 28.18 -0.92
CA ASP A 174 7.61 27.57 -1.93
C ASP A 174 8.85 26.92 -1.32
N ARG A 175 9.30 27.45 -0.19
CA ARG A 175 10.45 26.88 0.51
C ARG A 175 10.09 25.54 1.17
N LEU A 176 8.86 25.41 1.65
CA LEU A 176 8.34 24.12 2.13
C LEU A 176 8.09 23.17 0.95
N GLU A 177 7.61 23.70 -0.17
CA GLU A 177 7.36 22.90 -1.36
C GLU A 177 8.64 22.35 -1.98
N ALA A 178 9.75 23.06 -1.81
CA ALA A 178 11.05 22.57 -2.24
C ALA A 178 11.47 21.36 -1.41
N ALA A 179 11.31 21.47 -0.10
CA ALA A 179 11.66 20.39 0.82
C ALA A 179 10.89 19.12 0.50
N ILE A 180 9.58 19.26 0.36
CA ILE A 180 8.71 18.13 0.03
C ILE A 180 9.12 17.46 -1.29
N SER A 181 9.53 18.27 -2.27
N SER A 181 9.53 18.27 -2.26
CA SER A 181 10.01 17.74 -3.54
CA SER A 181 10.02 17.75 -3.54
C SER A 181 11.31 16.95 -3.35
C SER A 181 11.30 16.95 -3.34
N GLN A 182 12.25 17.51 -2.59
CA GLN A 182 13.51 16.84 -2.29
C GLN A 182 13.32 15.55 -1.48
N ILE A 183 12.34 15.55 -0.59
CA ILE A 183 11.99 14.34 0.16
C ILE A 183 11.34 13.29 -0.74
N LEU A 184 10.57 13.72 -1.74
CA LEU A 184 9.99 12.78 -2.71
C LEU A 184 11.06 12.17 -3.61
N GLU A 185 11.98 12.98 -4.11
CA GLU A 185 13.06 12.48 -4.97
C GLU A 185 13.87 11.39 -4.27
N VAL A 186 14.19 11.60 -2.99
CA VAL A 186 14.98 10.62 -2.24
C VAL A 186 14.20 9.35 -1.88
N LEU A 187 12.93 9.52 -1.49
CA LEU A 187 12.09 8.37 -1.12
C LEU A 187 11.98 7.35 -2.25
N GLY A 188 11.96 7.83 -3.50
CA GLY A 188 11.90 6.95 -4.66
C GLY A 188 10.61 6.15 -4.68
N ASN A 189 10.75 4.83 -4.86
CA ASN A 189 9.58 3.92 -4.85
C ASN A 189 9.42 3.20 -3.51
N SER A 190 10.05 3.73 -2.46
CA SER A 190 9.91 3.17 -1.12
C SER A 190 8.50 3.39 -0.56
N VAL A 191 7.78 4.36 -1.13
CA VAL A 191 6.41 4.65 -0.74
C VAL A 191 5.50 4.62 -1.98
N PRO A 192 4.21 4.30 -1.79
CA PRO A 192 3.29 4.28 -2.92
C PRO A 192 3.17 5.63 -3.60
N GLN A 193 3.03 5.63 -4.92
CA GLN A 193 2.92 6.86 -5.70
C GLN A 193 1.73 7.73 -5.23
N ARG A 194 0.61 7.08 -4.93
CA ARG A 194 -0.64 7.77 -4.59
C ARG A 194 -0.54 8.59 -3.29
N SER A 195 -0.03 7.96 -2.23
CA SER A 195 0.07 8.59 -0.91
C SER A 195 1.47 9.13 -0.60
N ALA A 196 2.27 9.39 -1.64
CA ALA A 196 3.68 9.76 -1.45
C ALA A 196 3.85 11.08 -0.71
N ARG A 197 3.06 12.08 -1.08
CA ARG A 197 3.12 13.40 -0.43
C ARG A 197 2.80 13.32 1.06
N PHE A 198 1.86 12.45 1.43
CA PHE A 198 1.50 12.25 2.83
C PHE A 198 2.71 11.81 3.63
N TYR A 199 3.42 10.80 3.12
CA TYR A 199 4.62 10.27 3.78
C TYR A 199 5.75 11.29 3.84
N ALA A 200 5.97 11.99 2.74
CA ALA A 200 7.01 13.03 2.66
C ALA A 200 6.80 14.13 3.69
N ILE A 201 5.56 14.62 3.79
CA ILE A 201 5.20 15.65 4.77
C ILE A 201 5.34 15.13 6.20
N LYS A 202 4.93 13.88 6.44
CA LYS A 202 5.00 13.29 7.76
C LYS A 202 6.43 13.00 8.22
N LEU A 203 7.30 12.63 7.29
CA LEU A 203 8.72 12.44 7.60
C LEU A 203 9.41 13.77 7.89
N PHE A 204 9.00 14.81 7.18
CA PHE A 204 9.49 16.17 7.45
C PHE A 204 9.12 16.60 8.87
N GLU A 205 7.91 16.31 9.30
CA GLU A 205 7.43 16.60 10.64
C GLU A 205 8.10 15.74 11.68
N GLN A 206 8.74 14.71 11.24
CA GLN A 206 9.39 13.76 12.11
C GLN A 206 8.42 12.93 12.92
N ASP A 207 7.50 12.30 12.22
CA ASP A 207 6.42 11.53 12.80
C ASP A 207 6.89 10.16 13.21
N SER A 208 6.62 9.77 14.45
CA SER A 208 7.16 8.54 15.03
CA SER A 208 7.13 8.54 15.05
C SER A 208 6.74 7.28 14.25
N LEU A 209 5.46 7.17 13.92
CA LEU A 209 4.93 5.96 13.26
C LEU A 209 5.49 5.73 11.86
N VAL A 210 5.59 6.79 11.06
CA VAL A 210 6.08 6.68 9.69
C VAL A 210 7.57 6.37 9.69
N GLU A 211 8.32 7.06 10.55
CA GLU A 211 9.75 6.79 10.72
C GLU A 211 10.00 5.36 11.23
N ALA A 212 9.18 4.92 12.18
CA ALA A 212 9.36 3.62 12.83
C ALA A 212 8.69 2.45 12.11
N GLU A 213 7.98 2.71 11.01
CA GLU A 213 7.31 1.65 10.25
C GLU A 213 7.50 1.81 8.74
N LEU A 214 8.75 2.02 8.34
CA LEU A 214 9.08 2.21 6.93
C LEU A 214 10.52 1.78 6.68
N ASP A 215 10.72 0.76 5.85
CA ASP A 215 12.04 0.18 5.61
C ASP A 215 12.85 1.00 4.62
N LEU A 216 13.38 2.13 5.09
CA LEU A 216 14.24 2.99 4.29
C LEU A 216 15.69 2.54 4.42
N SER A 217 16.51 2.93 3.45
CA SER A 217 17.95 2.72 3.54
C SER A 217 18.55 3.78 4.44
N GLN A 218 19.81 3.60 4.80
CA GLN A 218 20.51 4.51 5.71
C GLN A 218 20.85 5.83 5.00
N PHE A 219 21.15 5.76 3.71
CA PHE A 219 21.42 6.96 2.90
C PHE A 219 20.17 7.83 2.77
N GLN A 220 19.02 7.19 2.55
CA GLN A 220 17.73 7.88 2.49
C GLN A 220 17.43 8.63 3.79
N ARG A 221 17.72 8.00 4.92
CA ARG A 221 17.52 8.61 6.24
C ARG A 221 18.38 9.86 6.42
N LYS A 222 19.65 9.76 6.07
CA LYS A 222 20.60 10.86 6.23
C LYS A 222 20.28 12.02 5.30
N GLU A 223 19.78 11.70 4.11
CA GLU A 223 19.41 12.72 3.13
C GLU A 223 18.21 13.54 3.62
N ILE A 224 17.18 12.84 4.09
CA ILE A 224 15.99 13.48 4.64
C ILE A 224 16.35 14.34 5.86
N GLU A 225 17.22 13.82 6.73
CA GLU A 225 17.68 14.56 7.91
C GLU A 225 18.22 15.93 7.53
N ASP A 226 19.05 15.98 6.49
CA ASP A 226 19.63 17.24 6.03
C ASP A 226 18.57 18.16 5.43
N ILE A 227 17.65 17.58 4.66
CA ILE A 227 16.55 18.37 4.11
C ILE A 227 15.79 19.06 5.25
N ILE A 228 15.45 18.30 6.29
CA ILE A 228 14.75 18.84 7.46
C ILE A 228 15.56 19.92 8.17
N ARG A 229 16.83 19.61 8.49
CA ARG A 229 17.70 20.55 9.19
C ARG A 229 17.87 21.86 8.44
N ILE A 230 18.18 21.76 7.15
CA ILE A 230 18.40 22.93 6.31
C ILE A 230 17.12 23.77 6.22
N THR A 231 15.98 23.11 6.06
CA THR A 231 14.70 23.81 5.98
C THR A 231 14.39 24.57 7.27
N GLU A 232 14.64 23.93 8.42
CA GLU A 232 14.45 24.59 9.71
C GLU A 232 15.30 25.86 9.87
N GLU A 233 16.50 25.86 9.27
CA GLU A 233 17.39 27.04 9.28
C GLU A 233 16.83 28.18 8.42
N ILE A 234 16.26 27.82 7.27
CA ILE A 234 15.66 28.81 6.37
C ILE A 234 14.47 29.50 7.06
N PHE A 235 13.63 28.72 7.73
CA PHE A 235 12.43 29.23 8.39
C PHE A 235 12.69 29.80 9.79
N THR A 236 13.75 29.35 10.44
CA THR A 236 14.05 29.67 11.84
C THR A 236 12.93 29.14 12.75
N GLU A 237 12.43 27.95 12.42
CA GLU A 237 11.43 27.24 13.23
C GLU A 237 11.77 25.75 13.23
N ASP A 238 11.19 25.02 14.18
CA ASP A 238 11.27 23.56 14.16
C ASP A 238 10.33 23.02 13.07
N ALA A 239 10.63 21.82 12.58
CA ALA A 239 9.91 21.25 11.44
C ALA A 239 8.39 21.15 11.64
N GLU A 240 7.98 20.76 12.85
CA GLU A 240 6.56 20.54 13.14
C GLU A 240 5.76 21.84 13.03
N SER A 241 6.31 22.93 13.57
CA SER A 241 5.64 24.23 13.53
C SER A 241 5.56 24.82 12.13
N ILE A 242 6.56 24.54 11.30
CA ILE A 242 6.57 25.01 9.92
C ILE A 242 5.33 24.49 9.19
N VAL A 243 5.09 23.18 9.28
CA VAL A 243 3.97 22.54 8.60
C VAL A 243 2.63 23.03 9.16
N ILE A 244 2.53 23.10 10.49
CA ILE A 244 1.31 23.57 11.16
C ILE A 244 0.93 24.97 10.69
N ASN A 245 1.88 25.90 10.70
CA ASN A 245 1.64 27.30 10.31
C ASN A 245 1.27 27.42 8.84
N GLU A 246 1.88 26.58 8.01
CA GLU A 246 1.64 26.62 6.57
C GLU A 246 0.26 26.07 6.23
N ARG A 247 -0.19 25.07 6.99
CA ARG A 247 -1.56 24.58 6.87
C ARG A 247 -2.58 25.64 7.26
N TYR A 248 -2.37 26.28 8.42
CA TYR A 248 -3.30 27.29 8.91
C TYR A 248 -3.32 28.55 8.05
N ALA A 249 -2.18 28.87 7.43
CA ALA A 249 -2.10 30.01 6.50
C ALA A 249 -2.91 29.72 5.25
N PHE A 250 -2.77 28.51 4.71
CA PHE A 250 -3.52 28.07 3.54
C PHE A 250 -5.02 28.06 3.83
N ILE A 251 -5.40 27.58 5.01
CA ILE A 251 -6.80 27.55 5.41
C ILE A 251 -7.34 28.97 5.58
N GLU A 252 -6.56 29.82 6.24
CA GLU A 252 -6.91 31.23 6.42
C GLU A 252 -7.15 31.89 5.06
N ARG A 253 -6.26 31.64 4.11
CA ARG A 253 -6.37 32.16 2.76
C ARG A 253 -7.65 31.68 2.06
N VAL A 254 -7.98 30.40 2.22
CA VAL A 254 -9.16 29.79 1.60
C VAL A 254 -10.49 30.33 2.15
N CYS A 255 -10.58 30.45 3.48
CA CYS A 255 -11.79 30.95 4.12
C CYS A 255 -12.08 32.39 3.71
N GLN A 256 -11.03 33.19 3.58
CA GLN A 256 -11.17 34.58 3.18
C GLN A 256 -11.71 34.74 1.75
N MET A 257 -11.43 33.74 0.90
CA MET A 257 -11.99 33.72 -0.45
C MET A 257 -13.47 33.33 -0.45
N ALA A 258 -13.85 32.41 0.42
CA ALA A 258 -15.19 31.81 0.39
C ALA A 258 -16.18 32.35 1.44
N GLU A 259 -15.68 32.84 2.57
CA GLU A 259 -16.54 33.36 3.64
C GLU A 259 -17.10 34.74 3.30
N SER A 260 -18.20 35.10 3.94
CA SER A 260 -18.89 36.35 3.68
C SER A 260 -18.21 37.50 4.40
N MET B 1 -6.29 -3.92 8.32
CA MET B 1 -5.19 -4.17 9.30
C MET B 1 -4.12 -5.11 8.76
N THR B 2 -4.52 -6.15 8.04
CA THR B 2 -3.56 -7.07 7.39
C THR B 2 -3.79 -7.13 5.88
N GLU B 3 -2.71 -6.98 5.12
CA GLU B 3 -2.76 -6.97 3.67
C GLU B 3 -2.00 -8.18 3.11
N ILE B 4 -2.70 -9.06 2.40
CA ILE B 4 -2.08 -10.24 1.78
C ILE B 4 -2.00 -10.07 0.26
N ALA B 5 -0.81 -10.29 -0.28
CA ALA B 5 -0.57 -10.20 -1.73
C ALA B 5 -0.72 -11.56 -2.38
N LEU B 6 -1.70 -11.69 -3.28
CA LEU B 6 -1.96 -12.94 -3.99
C LEU B 6 -1.30 -12.88 -5.37
N ILE B 7 -0.29 -13.73 -5.58
CA ILE B 7 0.51 -13.67 -6.79
C ILE B 7 0.85 -15.07 -7.29
N GLY B 8 0.94 -15.23 -8.60
CA GLY B 8 1.30 -16.50 -9.21
C GLY B 8 1.37 -16.41 -10.73
N ASN B 9 1.57 -17.56 -11.37
CA ASN B 9 1.60 -17.64 -12.82
C ASN B 9 0.20 -17.50 -13.42
N PRO B 10 0.10 -17.07 -14.69
CA PRO B 10 -1.16 -17.19 -15.42
C PRO B 10 -1.60 -18.64 -15.51
N ASN B 11 -2.91 -18.87 -15.43
CA ASN B 11 -3.48 -20.23 -15.41
C ASN B 11 -3.01 -21.07 -14.23
N SER B 12 -2.98 -20.48 -13.04
CA SER B 12 -2.65 -21.22 -11.81
C SER B 12 -3.85 -21.39 -10.89
N GLY B 13 -5.01 -20.92 -11.34
CA GLY B 13 -6.23 -20.96 -10.54
C GLY B 13 -6.32 -19.81 -9.55
N LYS B 14 -5.62 -18.71 -9.85
CA LYS B 14 -5.53 -17.58 -8.95
C LYS B 14 -6.87 -16.85 -8.81
N THR B 15 -7.49 -16.55 -9.94
CA THR B 15 -8.82 -15.93 -9.97
C THR B 15 -9.86 -16.83 -9.30
N SER B 16 -9.78 -18.14 -9.55
CA SER B 16 -10.67 -19.10 -8.91
C SER B 16 -10.51 -19.09 -7.40
N LEU B 17 -9.27 -19.11 -6.92
CA LEU B 17 -8.99 -18.98 -5.49
C LEU B 17 -9.48 -17.64 -4.96
N PHE B 18 -9.10 -16.57 -5.65
CA PHE B 18 -9.48 -15.20 -5.29
C PHE B 18 -10.98 -15.08 -5.05
N ASN B 19 -11.77 -15.63 -5.97
CA ASN B 19 -13.22 -15.57 -5.88
C ASN B 19 -13.78 -16.35 -4.68
N LEU B 20 -13.19 -17.49 -4.37
CA LEU B 20 -13.60 -18.28 -3.20
C LEU B 20 -13.28 -17.59 -1.87
N ILE B 21 -12.15 -16.89 -1.82
CA ILE B 21 -11.71 -16.21 -0.60
C ILE B 21 -12.56 -14.97 -0.29
N THR B 22 -12.81 -14.16 -1.31
CA THR B 22 -13.40 -12.84 -1.13
C THR B 22 -14.89 -12.75 -1.48
N GLY B 23 -15.40 -13.74 -2.20
CA GLY B 23 -16.81 -13.78 -2.56
C GLY B 23 -17.23 -12.58 -3.39
N HIS B 24 -18.16 -11.79 -2.84
CA HIS B 24 -18.65 -10.59 -3.51
C HIS B 24 -18.00 -9.30 -3.00
N ASN B 25 -17.18 -9.41 -1.95
CA ASN B 25 -16.44 -8.28 -1.43
C ASN B 25 -15.23 -7.97 -2.32
N GLN B 26 -15.46 -7.30 -3.45
CA GLN B 26 -14.41 -7.03 -4.43
C GLN B 26 -14.47 -5.63 -5.01
N ARG B 27 -13.30 -4.99 -5.12
CA ARG B 27 -13.16 -3.68 -5.76
C ARG B 27 -12.19 -3.79 -6.92
N VAL B 28 -12.64 -3.40 -8.11
CA VAL B 28 -11.77 -3.34 -9.28
C VAL B 28 -11.34 -1.89 -9.52
N GLY B 29 -10.16 -1.73 -10.09
CA GLY B 29 -9.61 -0.41 -10.38
C GLY B 29 -8.48 -0.50 -11.38
N ASN B 30 -7.55 0.46 -11.29
CA ASN B 30 -6.43 0.54 -12.20
C ASN B 30 -5.16 0.85 -11.44
N TRP B 31 -4.07 0.15 -11.77
CA TRP B 31 -2.76 0.44 -11.22
C TRP B 31 -2.25 1.74 -11.82
N PRO B 32 -1.72 2.66 -10.97
CA PRO B 32 -1.22 3.91 -11.52
C PRO B 32 -0.05 3.72 -12.49
N GLY B 33 -0.07 4.46 -13.60
CA GLY B 33 1.03 4.45 -14.56
C GLY B 33 0.69 3.74 -15.86
N VAL B 34 0.08 2.56 -15.75
CA VAL B 34 -0.23 1.74 -16.92
C VAL B 34 -1.69 1.29 -16.88
N THR B 35 -2.22 0.89 -18.04
CA THR B 35 -3.56 0.29 -18.12
C THR B 35 -3.47 -1.21 -17.84
N VAL B 36 -3.37 -1.54 -16.54
CA VAL B 36 -3.44 -2.93 -16.08
C VAL B 36 -4.38 -3.02 -14.88
N GLU B 37 -5.13 -4.12 -14.81
CA GLU B 37 -6.23 -4.26 -13.85
C GLU B 37 -5.76 -4.42 -12.41
N ARG B 38 -6.17 -3.48 -11.56
CA ARG B 38 -5.98 -3.60 -10.11
C ARG B 38 -7.25 -4.16 -9.48
N LYS B 39 -7.12 -5.28 -8.78
CA LYS B 39 -8.25 -5.93 -8.12
C LYS B 39 -7.96 -6.15 -6.64
N SER B 40 -8.91 -5.73 -5.79
CA SER B 40 -8.82 -5.92 -4.35
C SER B 40 -10.01 -6.72 -3.85
N GLY B 41 -9.85 -7.37 -2.71
CA GLY B 41 -10.97 -8.06 -2.09
C GLY B 41 -10.73 -8.33 -0.61
N LEU B 42 -11.79 -8.24 0.17
CA LEU B 42 -11.75 -8.59 1.58
C LEU B 42 -12.06 -10.07 1.73
N VAL B 43 -11.38 -10.75 2.65
CA VAL B 43 -11.70 -12.15 2.96
C VAL B 43 -13.11 -12.18 3.54
N LYS B 44 -14.01 -12.89 2.89
CA LYS B 44 -15.44 -12.81 3.20
C LYS B 44 -15.79 -13.27 4.61
N LYS B 45 -15.01 -14.23 5.12
CA LYS B 45 -15.20 -14.74 6.48
C LYS B 45 -14.44 -13.95 7.54
N ASN B 46 -13.55 -13.05 7.11
CA ASN B 46 -12.84 -12.16 8.01
C ASN B 46 -12.40 -10.89 7.29
N LYS B 47 -13.22 -9.84 7.40
CA LYS B 47 -13.01 -8.58 6.67
C LYS B 47 -11.82 -7.75 7.14
N ASP B 48 -11.24 -8.11 8.29
CA ASP B 48 -9.99 -7.46 8.74
C ASP B 48 -8.88 -7.69 7.72
N LEU B 49 -8.90 -8.85 7.06
CA LEU B 49 -7.90 -9.23 6.07
C LEU B 49 -8.30 -8.78 4.67
N GLU B 50 -7.39 -8.10 3.96
CA GLU B 50 -7.58 -7.75 2.56
C GLU B 50 -6.68 -8.60 1.68
N ILE B 51 -7.23 -9.08 0.57
CA ILE B 51 -6.47 -9.78 -0.46
C ILE B 51 -6.21 -8.81 -1.60
N GLN B 52 -4.93 -8.51 -1.85
CA GLN B 52 -4.55 -7.69 -3.00
C GLN B 52 -4.14 -8.62 -4.13
N ASP B 53 -4.99 -8.74 -5.14
CA ASP B 53 -4.67 -9.54 -6.31
C ASP B 53 -3.61 -8.82 -7.12
N LEU B 54 -2.77 -9.58 -7.78
CA LEU B 54 -1.72 -9.02 -8.63
C LEU B 54 -1.72 -9.72 -9.98
N PRO B 55 -1.44 -8.97 -11.06
CA PRO B 55 -1.32 -9.57 -12.39
C PRO B 55 -0.44 -10.82 -12.40
N GLY B 56 -0.85 -11.82 -13.18
CA GLY B 56 -0.07 -13.04 -13.32
C GLY B 56 1.28 -12.78 -13.96
N ILE B 57 2.33 -13.36 -13.38
CA ILE B 57 3.69 -13.17 -13.88
C ILE B 57 4.48 -14.46 -13.75
N TYR B 58 5.54 -14.57 -14.55
CA TYR B 58 6.44 -15.73 -14.51
C TYR B 58 7.74 -15.43 -13.75
N SER B 59 8.09 -14.15 -13.63
CA SER B 59 9.32 -13.74 -12.98
C SER B 59 9.19 -12.32 -12.42
N MET B 60 10.26 -11.80 -11.84
CA MET B 60 10.30 -10.41 -11.40
C MET B 60 11.39 -9.66 -12.17
N SER B 61 11.30 -9.70 -13.48
CA SER B 61 12.16 -8.93 -14.36
C SER B 61 11.53 -7.55 -14.53
N PRO B 62 12.23 -6.63 -15.22
CA PRO B 62 11.62 -5.34 -15.55
C PRO B 62 10.97 -5.30 -16.94
N TYR B 63 10.73 -6.45 -17.56
CA TYR B 63 10.42 -6.52 -18.99
C TYR B 63 8.92 -6.47 -19.35
N SER B 64 8.06 -6.17 -18.37
CA SER B 64 6.64 -5.99 -18.63
C SER B 64 5.98 -5.17 -17.51
N PRO B 65 4.93 -4.39 -17.85
CA PRO B 65 4.27 -3.54 -16.85
C PRO B 65 3.67 -4.32 -15.67
N GLU B 66 3.21 -5.55 -15.93
CA GLU B 66 2.69 -6.41 -14.87
C GLU B 66 3.75 -6.67 -13.80
N GLU B 67 4.97 -7.00 -14.24
CA GLU B 67 6.06 -7.31 -13.32
C GLU B 67 6.57 -6.06 -12.59
N LYS B 68 6.51 -4.91 -13.25
CA LYS B 68 6.85 -3.63 -12.61
C LYS B 68 5.90 -3.29 -11.46
N VAL B 69 4.62 -3.57 -11.66
CA VAL B 69 3.60 -3.34 -10.63
C VAL B 69 3.89 -4.21 -9.41
N ALA B 70 4.19 -5.49 -9.64
CA ALA B 70 4.45 -6.45 -8.56
C ALA B 70 5.68 -6.07 -7.73
N ARG B 71 6.80 -5.81 -8.41
CA ARG B 71 8.04 -5.39 -7.75
C ARG B 71 7.82 -4.13 -6.91
N ASP B 72 7.21 -3.12 -7.53
CA ASP B 72 6.94 -1.85 -6.85
C ASP B 72 6.02 -2.04 -5.64
N TYR B 73 5.00 -2.88 -5.81
CA TYR B 73 4.04 -3.14 -4.74
C TYR B 73 4.70 -3.80 -3.53
N LEU B 74 5.52 -4.83 -3.78
CA LEU B 74 6.13 -5.62 -2.71
C LEU B 74 7.26 -4.87 -2.00
N LEU B 75 8.09 -4.16 -2.76
CA LEU B 75 9.22 -3.42 -2.18
C LEU B 75 8.81 -2.15 -1.42
N SER B 76 7.62 -1.63 -1.71
CA SER B 76 7.09 -0.46 -1.00
C SER B 76 6.50 -0.83 0.37
N GLN B 77 6.51 -2.13 0.70
CA GLN B 77 6.10 -2.62 2.02
C GLN B 77 4.60 -2.44 2.32
N ARG B 78 3.79 -2.42 1.26
CA ARG B 78 2.35 -2.33 1.42
C ARG B 78 1.75 -3.65 1.94
N ALA B 79 2.40 -4.77 1.59
CA ALA B 79 1.90 -6.09 1.94
C ALA B 79 2.64 -6.69 3.15
N ASP B 80 1.86 -7.23 4.08
CA ASP B 80 2.37 -7.91 5.26
C ASP B 80 2.82 -9.33 4.93
N SER B 81 2.13 -9.96 3.98
CA SER B 81 2.35 -11.36 3.63
C SER B 81 2.20 -11.57 2.13
N ILE B 82 2.82 -12.64 1.62
CA ILE B 82 2.60 -13.09 0.24
C ILE B 82 1.94 -14.46 0.25
N LEU B 83 0.82 -14.58 -0.47
CA LEU B 83 0.19 -15.86 -0.72
C LEU B 83 0.50 -16.27 -2.16
N ASN B 84 1.54 -17.08 -2.32
CA ASN B 84 1.98 -17.51 -3.65
C ASN B 84 1.17 -18.69 -4.15
N VAL B 85 0.32 -18.45 -5.14
CA VAL B 85 -0.47 -19.50 -5.76
C VAL B 85 0.42 -20.30 -6.72
N VAL B 86 0.43 -21.62 -6.58
CA VAL B 86 1.31 -22.49 -7.37
C VAL B 86 0.54 -23.64 -8.01
N ASP B 87 0.70 -23.79 -9.32
CA ASP B 87 0.11 -24.89 -10.08
C ASP B 87 0.98 -26.15 -9.88
N ALA B 88 0.41 -27.15 -9.21
CA ALA B 88 1.15 -28.36 -8.82
C ALA B 88 1.52 -29.24 -10.02
N THR B 89 0.73 -29.19 -11.09
CA THR B 89 1.00 -29.96 -12.30
C THR B 89 2.26 -29.47 -13.02
N ASN B 90 2.59 -28.20 -12.83
CA ASN B 90 3.81 -27.60 -13.37
C ASN B 90 4.60 -26.93 -12.24
N LEU B 91 4.92 -27.71 -11.23
CA LEU B 91 5.61 -27.20 -10.05
C LEU B 91 6.95 -26.57 -10.40
N GLU B 92 7.74 -27.28 -11.21
CA GLU B 92 9.09 -26.86 -11.59
C GLU B 92 9.12 -25.39 -12.03
N ARG B 93 8.45 -25.09 -13.14
CA ARG B 93 8.43 -23.74 -13.71
C ARG B 93 7.75 -22.69 -12.81
N ASN B 94 6.76 -23.12 -12.03
CA ASN B 94 6.08 -22.23 -11.09
C ASN B 94 7.01 -21.70 -10.01
N LEU B 95 7.89 -22.56 -9.49
CA LEU B 95 8.78 -22.18 -8.40
C LEU B 95 9.89 -21.21 -8.81
N TYR B 96 10.03 -20.94 -10.11
CA TYR B 96 10.96 -19.92 -10.61
C TYR B 96 10.62 -18.57 -10.00
N LEU B 97 9.34 -18.21 -10.03
CA LEU B 97 8.85 -17.00 -9.38
C LEU B 97 8.97 -17.09 -7.86
N THR B 98 8.60 -18.24 -7.31
CA THR B 98 8.55 -18.46 -5.85
C THR B 98 9.88 -18.15 -5.15
N THR B 99 11.00 -18.50 -5.79
CA THR B 99 12.32 -18.19 -5.22
C THR B 99 12.52 -16.68 -5.14
N GLN B 100 12.16 -15.99 -6.22
CA GLN B 100 12.28 -14.53 -6.28
C GLN B 100 11.32 -13.83 -5.31
N LEU B 101 10.19 -14.47 -5.01
CA LEU B 101 9.25 -13.94 -4.02
C LEU B 101 9.79 -14.07 -2.59
N ILE B 102 10.37 -15.22 -2.30
CA ILE B 102 11.01 -15.47 -0.99
C ILE B 102 12.11 -14.44 -0.75
N GLU B 103 12.86 -14.13 -1.80
CA GLU B 103 13.98 -13.19 -1.73
C GLU B 103 13.57 -11.74 -1.46
N THR B 104 12.30 -11.38 -1.68
CA THR B 104 11.82 -10.02 -1.40
C THR B 104 11.85 -9.63 0.08
N GLY B 105 11.92 -10.62 0.98
CA GLY B 105 11.90 -10.36 2.42
C GLY B 105 10.52 -10.39 3.03
N ILE B 106 9.48 -10.44 2.19
CA ILE B 106 8.11 -10.57 2.66
C ILE B 106 7.81 -12.06 2.79
N PRO B 107 7.43 -12.52 4.00
CA PRO B 107 7.16 -13.93 4.23
C PRO B 107 6.14 -14.56 3.26
N VAL B 108 6.55 -15.67 2.64
CA VAL B 108 5.76 -16.33 1.60
C VAL B 108 5.04 -17.56 2.16
N THR B 109 3.73 -17.63 1.94
CA THR B 109 2.94 -18.83 2.18
C THR B 109 2.49 -19.37 0.82
N ILE B 110 2.65 -20.67 0.60
CA ILE B 110 2.35 -21.26 -0.70
C ILE B 110 1.04 -22.05 -0.69
N ALA B 111 0.17 -21.72 -1.64
CA ALA B 111 -1.04 -22.48 -1.90
C ALA B 111 -0.76 -23.42 -3.06
N LEU B 112 -0.47 -24.69 -2.76
CA LEU B 112 -0.20 -25.68 -3.78
C LEU B 112 -1.52 -26.06 -4.45
N ASN B 113 -1.87 -25.31 -5.50
CA ASN B 113 -3.21 -25.33 -6.06
C ASN B 113 -3.39 -26.40 -7.13
N MET B 114 -4.65 -26.80 -7.33
CA MET B 114 -5.02 -27.80 -8.34
C MET B 114 -4.43 -29.17 -8.05
N ILE B 115 -4.29 -29.51 -6.78
CA ILE B 115 -3.82 -30.84 -6.35
C ILE B 115 -4.80 -31.97 -6.71
N ASP B 116 -6.08 -31.64 -6.84
CA ASP B 116 -7.09 -32.62 -7.25
C ASP B 116 -6.79 -33.20 -8.64
N VAL B 117 -6.07 -32.44 -9.46
CA VAL B 117 -5.68 -32.89 -10.80
C VAL B 117 -4.53 -33.89 -10.72
N LEU B 118 -3.77 -33.87 -9.62
CA LEU B 118 -2.75 -34.89 -9.35
C LEU B 118 -3.40 -36.13 -8.73
N GLN B 121 -5.94 -38.19 -10.43
CA GLN B 121 -4.75 -38.74 -11.08
C GLN B 121 -3.78 -39.32 -10.05
N GLY B 122 -2.70 -39.95 -10.52
CA GLY B 122 -1.81 -40.74 -9.67
C GLY B 122 -0.62 -40.03 -9.04
N LYS B 123 -0.16 -38.94 -9.67
CA LYS B 123 1.05 -38.23 -9.19
C LYS B 123 0.88 -37.65 -7.79
N LYS B 124 1.99 -37.55 -7.05
CA LYS B 124 1.98 -37.08 -5.67
C LYS B 124 3.10 -36.09 -5.38
N ILE B 125 2.89 -35.27 -4.35
CA ILE B 125 3.89 -34.33 -3.86
C ILE B 125 3.87 -34.37 -2.33
N ASN B 126 5.03 -34.64 -1.73
CA ASN B 126 5.17 -34.56 -0.28
C ASN B 126 5.18 -33.10 0.14
N VAL B 127 4.11 -32.67 0.82
CA VAL B 127 3.95 -31.28 1.24
C VAL B 127 5.00 -30.88 2.27
N ASP B 128 5.23 -31.76 3.25
CA ASP B 128 6.17 -31.49 4.33
C ASP B 128 7.62 -31.42 3.85
N LYS B 129 7.95 -32.30 2.90
CA LYS B 129 9.29 -32.32 2.30
C LYS B 129 9.52 -31.07 1.46
N LEU B 130 8.54 -30.72 0.62
CA LEU B 130 8.57 -29.50 -0.17
C LEU B 130 8.70 -28.26 0.74
N SER B 131 7.83 -28.18 1.75
CA SER B 131 7.88 -27.09 2.73
C SER B 131 9.25 -26.98 3.39
N TYR B 132 9.80 -28.12 3.82
CA TYR B 132 11.09 -28.15 4.51
C TYR B 132 12.23 -27.61 3.63
N HIS B 133 12.30 -28.08 2.39
CA HIS B 133 13.40 -27.70 1.48
C HIS B 133 13.31 -26.25 0.98
N LEU B 134 12.11 -25.68 0.98
CA LEU B 134 11.89 -24.30 0.55
C LEU B 134 11.98 -23.30 1.72
N GLY B 135 11.72 -23.77 2.94
CA GLY B 135 11.75 -22.92 4.13
C GLY B 135 10.54 -22.00 4.24
N VAL B 136 9.39 -22.47 3.73
CA VAL B 136 8.14 -21.71 3.77
C VAL B 136 6.96 -22.66 3.97
N PRO B 137 5.88 -22.19 4.61
CA PRO B 137 4.71 -23.07 4.76
C PRO B 137 4.05 -23.39 3.42
N VAL B 138 3.53 -24.60 3.30
CA VAL B 138 2.87 -25.07 2.08
C VAL B 138 1.55 -25.77 2.44
N VAL B 139 0.47 -25.38 1.79
CA VAL B 139 -0.85 -25.96 2.02
C VAL B 139 -1.47 -26.37 0.69
N ALA B 140 -1.88 -27.64 0.61
CA ALA B 140 -2.49 -28.18 -0.60
C ALA B 140 -3.89 -27.61 -0.77
N THR B 141 -4.22 -27.17 -1.98
CA THR B 141 -5.48 -26.48 -2.22
C THR B 141 -6.11 -26.85 -3.56
N SER B 142 -7.42 -26.67 -3.63
CA SER B 142 -8.18 -26.88 -4.87
C SER B 142 -9.40 -25.96 -4.88
N SER B 143 -9.52 -25.14 -5.91
CA SER B 143 -10.69 -24.29 -6.07
C SER B 143 -11.90 -25.09 -6.57
N LEU B 144 -11.62 -26.13 -7.36
CA LEU B 144 -12.68 -27.00 -7.86
C LEU B 144 -13.34 -27.75 -6.72
N LYS B 145 -12.53 -28.28 -5.80
CA LYS B 145 -13.02 -29.10 -4.69
C LYS B 145 -13.15 -28.29 -3.39
N GLN B 146 -12.71 -27.03 -3.41
CA GLN B 146 -12.79 -26.13 -2.27
C GLN B 146 -12.23 -26.75 -0.98
N THR B 147 -10.96 -27.16 -1.05
CA THR B 147 -10.26 -27.74 0.09
C THR B 147 -8.97 -26.97 0.38
N GLY B 148 -8.68 -26.76 1.66
CA GLY B 148 -7.45 -26.07 2.08
C GLY B 148 -7.47 -24.56 1.92
N VAL B 149 -8.59 -24.02 1.44
CA VAL B 149 -8.68 -22.59 1.13
C VAL B 149 -8.62 -21.74 2.40
N ASP B 150 -9.53 -21.98 3.34
CA ASP B 150 -9.54 -21.26 4.61
C ASP B 150 -8.26 -21.51 5.41
N GLN B 151 -7.71 -22.71 5.27
CA GLN B 151 -6.51 -23.08 6.00
C GLN B 151 -5.30 -22.23 5.56
N VAL B 152 -5.10 -22.10 4.25
CA VAL B 152 -3.93 -21.39 3.74
C VAL B 152 -4.01 -19.88 3.96
N VAL B 153 -5.21 -19.32 3.91
CA VAL B 153 -5.42 -17.90 4.20
C VAL B 153 -5.11 -17.60 5.66
N LYS B 154 -5.60 -18.44 6.56
CA LYS B 154 -5.32 -18.32 7.98
C LYS B 154 -3.81 -18.45 8.28
N LYS B 155 -3.13 -19.28 7.51
CA LYS B 155 -1.69 -19.48 7.65
C LYS B 155 -0.93 -18.28 7.09
N ALA B 156 -1.35 -17.81 5.92
CA ALA B 156 -0.80 -16.61 5.30
C ALA B 156 -1.01 -15.38 6.19
N ALA B 157 -2.20 -15.27 6.75
CA ALA B 157 -2.53 -14.18 7.67
C ALA B 157 -1.64 -14.19 8.91
N HIS B 158 -1.21 -15.38 9.33
CA HIS B 158 -0.35 -15.53 10.50
C HIS B 158 1.16 -15.53 10.18
N THR B 159 1.50 -15.60 8.89
CA THR B 159 2.90 -15.59 8.45
C THR B 159 3.21 -14.25 7.76
N THR B 160 3.49 -13.22 8.57
CA THR B 160 3.70 -11.86 8.09
C THR B 160 5.04 -11.29 8.53
N THR B 161 5.38 -10.12 8.01
CA THR B 161 6.61 -9.39 8.37
C THR B 161 6.68 -9.01 9.87
N SER B 162 5.55 -9.08 10.57
CA SER B 162 5.52 -8.86 12.02
C SER B 162 5.75 -10.14 12.83
N THR B 163 5.29 -11.27 12.30
CA THR B 163 5.32 -12.53 13.07
C THR B 163 6.63 -13.30 12.95
N VAL B 164 7.18 -13.38 11.73
CA VAL B 164 8.38 -14.18 11.48
C VAL B 164 9.64 -13.35 11.74
N GLY B 165 10.67 -14.01 12.26
CA GLY B 165 11.96 -13.36 12.56
C GLY B 165 13.04 -13.72 11.54
N ASP B 166 13.89 -14.67 11.90
CA ASP B 166 14.93 -15.16 10.97
C ASP B 166 14.27 -15.89 9.80
N LEU B 167 14.72 -15.59 8.59
CA LEU B 167 14.03 -16.03 7.38
C LEU B 167 14.98 -16.77 6.44
N ALA B 168 14.55 -17.97 6.02
CA ALA B 168 15.36 -18.84 5.16
C ALA B 168 15.25 -18.47 3.69
N PHE B 169 16.36 -18.10 3.08
CA PHE B 169 16.43 -17.81 1.65
C PHE B 169 17.02 -19.02 0.92
N PRO B 170 16.73 -19.16 -0.38
CA PRO B 170 17.41 -20.19 -1.17
C PRO B 170 18.91 -19.97 -1.25
N ILE B 171 19.68 -20.97 -0.84
CA ILE B 171 21.13 -20.92 -0.94
C ILE B 171 21.56 -21.61 -2.23
N TYR B 172 22.45 -20.94 -2.98
CA TYR B 172 22.92 -21.43 -4.26
C TYR B 172 24.35 -21.94 -4.13
N ASP B 173 24.94 -22.33 -5.26
CA ASP B 173 26.35 -22.73 -5.31
C ASP B 173 27.22 -21.70 -4.58
N ASP B 174 28.09 -22.17 -3.70
CA ASP B 174 28.79 -21.31 -2.74
C ASP B 174 29.66 -20.21 -3.35
N ARG B 175 30.03 -20.34 -4.62
CA ARG B 175 30.85 -19.33 -5.29
C ARG B 175 30.03 -18.12 -5.73
N LEU B 176 28.84 -18.36 -6.27
CA LEU B 176 27.89 -17.28 -6.54
C LEU B 176 27.43 -16.62 -5.23
N GLU B 177 27.27 -17.43 -4.20
CA GLU B 177 26.92 -16.95 -2.87
C GLU B 177 28.00 -16.01 -2.31
N ALA B 178 29.26 -16.30 -2.61
CA ALA B 178 30.37 -15.44 -2.22
C ALA B 178 30.30 -14.07 -2.89
N ALA B 179 29.89 -14.05 -4.16
CA ALA B 179 29.72 -12.79 -4.89
C ALA B 179 28.59 -11.94 -4.31
N ILE B 180 27.51 -12.59 -3.89
CA ILE B 180 26.37 -11.89 -3.30
C ILE B 180 26.75 -11.18 -2.00
N SER B 181 27.51 -11.87 -1.15
CA SER B 181 27.95 -11.29 0.12
C SER B 181 28.84 -10.06 -0.07
N GLN B 182 29.67 -10.10 -1.11
CA GLN B 182 30.53 -8.96 -1.45
C GLN B 182 29.72 -7.77 -1.97
N ILE B 183 28.68 -8.05 -2.74
CA ILE B 183 27.79 -6.98 -3.22
C ILE B 183 27.10 -6.29 -2.03
N LEU B 184 26.76 -7.06 -0.99
CA LEU B 184 26.18 -6.50 0.23
C LEU B 184 27.19 -5.63 1.00
N GLU B 185 28.46 -6.03 0.99
CA GLU B 185 29.53 -5.22 1.58
C GLU B 185 29.63 -3.87 0.89
N VAL B 186 29.68 -3.90 -0.44
CA VAL B 186 29.84 -2.69 -1.25
C VAL B 186 28.63 -1.75 -1.09
N LEU B 187 27.44 -2.29 -1.27
CA LEU B 187 26.21 -1.54 -1.03
C LEU B 187 26.19 -0.98 0.37
N GLY B 188 26.49 -1.82 1.35
CA GLY B 188 26.54 -1.43 2.74
C GLY B 188 25.24 -0.79 3.17
N ASN B 189 25.30 0.47 3.60
CA ASN B 189 24.13 1.17 4.12
C ASN B 189 23.33 1.92 3.05
N SER B 190 23.31 1.38 1.83
CA SER B 190 22.60 1.98 0.70
C SER B 190 21.30 1.25 0.35
N VAL B 191 21.03 0.12 1.02
CA VAL B 191 19.82 -0.68 0.77
C VAL B 191 19.19 -1.12 2.09
N PRO B 192 17.84 -1.27 2.11
CA PRO B 192 17.16 -1.67 3.34
C PRO B 192 17.42 -3.12 3.72
N GLN B 193 17.32 -3.42 5.01
CA GLN B 193 17.66 -4.75 5.53
C GLN B 193 16.75 -5.86 5.00
N ARG B 194 15.44 -5.61 5.01
CA ARG B 194 14.46 -6.65 4.69
C ARG B 194 14.65 -7.25 3.30
N SER B 195 14.77 -6.39 2.30
CA SER B 195 14.87 -6.81 0.90
C SER B 195 16.30 -6.70 0.35
N ALA B 196 17.28 -6.90 1.22
CA ALA B 196 18.70 -6.69 0.85
C ALA B 196 19.19 -7.72 -0.16
N ARG B 197 18.79 -8.97 0.02
CA ARG B 197 19.20 -10.05 -0.86
C ARG B 197 18.64 -9.86 -2.27
N PHE B 198 17.39 -9.41 -2.35
CA PHE B 198 16.74 -9.15 -3.64
C PHE B 198 17.57 -8.17 -4.48
N TYR B 199 17.88 -7.02 -3.91
CA TYR B 199 18.64 -5.98 -4.60
C TYR B 199 20.01 -6.48 -5.06
N ALA B 200 20.71 -7.19 -4.18
CA ALA B 200 22.05 -7.70 -4.45
C ALA B 200 22.08 -8.61 -5.68
N ILE B 201 21.10 -9.52 -5.75
CA ILE B 201 21.00 -10.45 -6.88
C ILE B 201 20.66 -9.69 -8.16
N LYS B 202 19.74 -8.73 -8.07
CA LYS B 202 19.29 -7.96 -9.23
C LYS B 202 20.40 -7.08 -9.81
N LEU B 203 21.30 -6.60 -8.95
CA LEU B 203 22.46 -5.85 -9.42
C LEU B 203 23.47 -6.77 -10.10
N PHE B 204 23.63 -7.98 -9.55
CA PHE B 204 24.51 -8.98 -10.14
C PHE B 204 24.14 -9.26 -11.60
N GLU B 205 22.84 -9.48 -11.85
CA GLU B 205 22.35 -9.71 -13.21
C GLU B 205 21.99 -8.39 -13.93
N GLN B 206 22.42 -7.28 -13.34
CA GLN B 206 22.41 -5.97 -13.99
C GLN B 206 21.01 -5.49 -14.37
N ASP B 207 20.10 -5.57 -13.39
CA ASP B 207 18.73 -5.07 -13.56
C ASP B 207 18.78 -3.55 -13.68
N SER B 208 18.32 -3.03 -14.81
CA SER B 208 18.43 -1.61 -15.12
C SER B 208 17.56 -0.73 -14.23
N LEU B 209 16.43 -1.27 -13.75
CA LEU B 209 15.54 -0.54 -12.85
C LEU B 209 16.13 -0.41 -11.45
N VAL B 210 16.79 -1.46 -10.97
CA VAL B 210 17.45 -1.44 -9.67
C VAL B 210 18.65 -0.50 -9.72
N GLU B 211 19.42 -0.58 -10.79
CA GLU B 211 20.56 0.32 -10.99
C GLU B 211 20.13 1.78 -10.95
N ALA B 212 19.06 2.09 -11.68
CA ALA B 212 18.59 3.48 -11.81
C ALA B 212 17.89 4.02 -10.57
N GLU B 213 17.35 3.13 -9.73
CA GLU B 213 16.56 3.54 -8.57
C GLU B 213 17.41 3.79 -7.32
N LEU B 214 18.49 3.03 -7.17
CA LEU B 214 19.33 3.11 -5.97
C LEU B 214 20.29 4.32 -5.99
N ASP B 215 20.73 4.72 -7.18
CA ASP B 215 21.60 5.89 -7.33
C ASP B 215 22.88 5.77 -6.50
N LEU B 216 23.73 4.83 -6.89
CA LEU B 216 24.98 4.58 -6.19
C LEU B 216 26.10 5.46 -6.74
N SER B 217 27.19 5.55 -5.99
CA SER B 217 28.36 6.31 -6.41
C SER B 217 29.13 5.57 -7.51
N GLN B 218 30.09 6.26 -8.13
CA GLN B 218 30.99 5.62 -9.10
C GLN B 218 31.89 4.60 -8.42
N PHE B 219 32.18 4.83 -7.14
CA PHE B 219 32.95 3.90 -6.31
C PHE B 219 32.29 2.53 -6.23
N GLN B 220 31.03 2.52 -5.81
CA GLN B 220 30.27 1.26 -5.64
C GLN B 220 29.99 0.57 -6.98
N ARG B 221 29.58 1.34 -7.98
CA ARG B 221 29.34 0.84 -9.34
C ARG B 221 30.48 -0.02 -9.88
N LYS B 222 31.71 0.48 -9.78
CA LYS B 222 32.89 -0.23 -10.29
C LYS B 222 33.18 -1.48 -9.46
N GLU B 223 33.13 -1.34 -8.13
CA GLU B 223 33.32 -2.47 -7.23
C GLU B 223 32.35 -3.61 -7.57
N ILE B 224 31.08 -3.27 -7.78
CA ILE B 224 30.06 -4.26 -8.12
C ILE B 224 30.28 -4.82 -9.54
N GLU B 225 30.75 -3.98 -10.45
CA GLU B 225 31.09 -4.44 -11.81
C GLU B 225 32.31 -5.37 -11.81
N ASP B 226 33.27 -5.11 -10.92
CA ASP B 226 34.43 -5.98 -10.75
C ASP B 226 34.02 -7.37 -10.24
N ILE B 227 33.13 -7.40 -9.25
CA ILE B 227 32.64 -8.65 -8.66
C ILE B 227 31.87 -9.49 -9.69
N ILE B 228 31.13 -8.81 -10.57
CA ILE B 228 30.38 -9.49 -11.63
C ILE B 228 31.33 -10.02 -12.71
N ARG B 229 32.36 -9.24 -13.04
CA ARG B 229 33.36 -9.64 -14.04
C ARG B 229 34.09 -10.92 -13.63
N ILE B 230 34.56 -10.95 -12.38
CA ILE B 230 35.22 -12.13 -11.80
C ILE B 230 34.30 -13.35 -11.94
N THR B 231 33.10 -13.24 -11.37
CA THR B 231 32.16 -14.36 -11.32
C THR B 231 31.74 -14.85 -12.70
N GLU B 232 31.64 -13.95 -13.67
CA GLU B 232 31.35 -14.34 -15.06
C GLU B 232 32.44 -15.25 -15.63
N GLU B 233 33.69 -14.99 -15.25
CA GLU B 233 34.82 -15.77 -15.76
C GLU B 233 34.98 -17.11 -15.05
N ILE B 234 34.74 -17.14 -13.74
CA ILE B 234 34.79 -18.39 -12.97
C ILE B 234 33.75 -19.38 -13.50
N PHE B 235 32.53 -18.88 -13.73
CA PHE B 235 31.44 -19.71 -14.29
C PHE B 235 31.55 -19.86 -15.81
N THR B 236 32.23 -18.92 -16.46
CA THR B 236 32.41 -18.88 -17.93
C THR B 236 31.11 -18.66 -18.73
N GLU B 237 30.31 -17.70 -18.27
CA GLU B 237 29.15 -17.22 -19.02
C GLU B 237 28.63 -15.89 -18.42
N ASP B 238 27.68 -15.26 -19.11
CA ASP B 238 27.16 -13.95 -18.67
C ASP B 238 26.39 -14.04 -17.35
N ALA B 239 26.30 -12.89 -16.66
CA ALA B 239 25.83 -12.83 -15.28
C ALA B 239 24.38 -13.28 -15.11
N GLU B 240 23.49 -12.74 -15.94
CA GLU B 240 22.07 -13.10 -15.90
C GLU B 240 21.85 -14.60 -16.10
N SER B 241 22.62 -15.21 -17.00
N SER B 241 22.62 -15.21 -17.00
CA SER B 241 22.49 -16.63 -17.30
CA SER B 241 22.48 -16.63 -17.29
C SER B 241 22.97 -17.52 -16.15
C SER B 241 22.97 -17.53 -16.15
N ILE B 242 23.89 -17.03 -15.33
CA ILE B 242 24.42 -17.80 -14.21
C ILE B 242 23.35 -18.05 -13.15
N VAL B 243 22.65 -16.99 -12.75
CA VAL B 243 21.63 -17.07 -11.69
C VAL B 243 20.36 -17.79 -12.16
N ILE B 244 20.03 -17.69 -13.44
CA ILE B 244 18.90 -18.43 -14.01
C ILE B 244 19.15 -19.93 -13.88
N ASN B 245 20.24 -20.39 -14.50
CA ASN B 245 20.65 -21.80 -14.43
C ASN B 245 20.79 -22.26 -12.98
N GLU B 246 21.20 -21.35 -12.10
CA GLU B 246 21.42 -21.67 -10.70
C GLU B 246 20.13 -21.82 -9.92
N ARG B 247 19.17 -20.92 -10.14
CA ARG B 247 17.88 -21.03 -9.45
C ARG B 247 17.03 -22.14 -10.05
N TYR B 248 17.23 -22.44 -11.35
CA TYR B 248 16.64 -23.64 -11.96
C TYR B 248 17.25 -24.91 -11.38
N ALA B 249 18.55 -24.86 -11.07
CA ALA B 249 19.24 -25.98 -10.43
C ALA B 249 18.70 -26.19 -9.02
N PHE B 250 18.46 -25.10 -8.30
CA PHE B 250 17.90 -25.16 -6.96
C PHE B 250 16.50 -25.77 -6.97
N ILE B 251 15.65 -25.30 -7.88
CA ILE B 251 14.28 -25.78 -7.99
C ILE B 251 14.24 -27.25 -8.39
N GLU B 252 15.06 -27.62 -9.38
CA GLU B 252 15.09 -28.99 -9.89
C GLU B 252 15.36 -30.00 -8.77
N ARG B 253 16.37 -29.71 -7.96
CA ARG B 253 16.75 -30.63 -6.87
C ARG B 253 15.71 -30.66 -5.74
N VAL B 254 14.94 -29.57 -5.59
CA VAL B 254 13.81 -29.55 -4.65
C VAL B 254 12.66 -30.42 -5.16
N CYS B 255 12.32 -30.24 -6.44
CA CYS B 255 11.33 -31.08 -7.11
C CYS B 255 11.72 -32.55 -7.17
N GLN B 256 13.03 -32.83 -7.06
CA GLN B 256 13.52 -34.21 -7.00
C GLN B 256 13.30 -34.83 -5.62
N MET B 257 13.44 -34.01 -4.57
CA MET B 257 13.27 -34.49 -3.19
C MET B 257 11.84 -34.90 -2.91
N ALA B 258 10.90 -34.01 -3.22
CA ALA B 258 9.52 -34.13 -2.74
C ALA B 258 8.47 -34.33 -3.85
N GLU B 259 8.84 -35.00 -4.94
CA GLU B 259 7.87 -35.37 -5.97
C GLU B 259 7.91 -36.85 -6.34
N SER B 260 8.76 -37.64 -5.69
CA SER B 260 8.87 -39.07 -5.96
C SER B 260 7.79 -39.84 -5.22
PB GDP C . -20.88 13.61 15.26
O1B GDP C . -21.31 12.19 15.00
O2B GDP C . -20.11 14.25 14.12
O3B GDP C . -20.26 13.88 16.61
O3A GDP C . -22.23 14.48 15.26
PA GDP C . -23.69 13.92 15.62
O1A GDP C . -24.26 13.25 14.40
O2A GDP C . -23.64 13.16 16.93
O5' GDP C . -24.48 15.29 15.87
C5' GDP C . -23.87 16.32 16.63
C4' GDP C . -24.91 17.31 17.13
O4' GDP C . -25.28 18.19 16.06
C3' GDP C . -26.20 16.65 17.62
O3' GDP C . -26.61 17.24 18.87
C2' GDP C . -27.22 16.91 16.54
O2' GDP C . -28.50 17.21 17.10
C1' GDP C . -26.67 18.10 15.78
N9 GDP C . -26.81 18.01 14.30
C8 GDP C . -26.35 17.03 13.49
N7 GDP C . -26.63 17.29 12.20
C5 GDP C . -27.28 18.46 12.15
C6 GDP C . -27.86 19.34 11.10
O6 GDP C . -27.80 19.01 9.90
N1 GDP C . -28.43 20.49 11.47
C2 GDP C . -28.50 20.87 12.77
N2 GDP C . -29.10 22.05 13.09
N3 GDP C . -28.00 20.13 13.77
C4 GDP C . -27.38 18.94 13.54
PB GDP D . -5.67 -17.81 -13.50
O1B GDP D . -4.38 -18.06 -12.74
O2B GDP D . -5.49 -17.70 -14.99
O3B GDP D . -6.56 -16.74 -12.91
O3A GDP D . -6.48 -19.18 -13.26
PA GDP D . -8.09 -19.30 -13.33
O1A GDP D . -8.66 -19.10 -11.95
O2A GDP D . -8.59 -18.46 -14.48
O5' GDP D . -8.23 -20.84 -13.75
C5' GDP D . -7.71 -21.33 -14.98
C4' GDP D . -8.33 -22.69 -15.30
O4' GDP D . -7.98 -23.62 -14.28
C3' GDP D . -9.85 -22.62 -15.36
O3' GDP D . -10.35 -23.40 -16.46
C2' GDP D . -10.30 -23.20 -14.03
O2' GDP D . -11.57 -23.86 -14.13
C1' GDP D . -9.17 -24.16 -13.68
N9 GDP D . -8.99 -24.34 -12.22
C8 GDP D . -8.80 -23.37 -11.31
N7 GDP D . -8.65 -23.90 -10.07
C5 GDP D . -8.73 -25.24 -10.19
C6 GDP D . -8.65 -26.41 -9.28
O6 GDP D . -8.48 -26.26 -8.06
N1 GDP D . -8.78 -27.64 -9.82
C2 GDP D . -8.98 -27.83 -11.14
N2 GDP D . -9.10 -29.10 -11.61
N3 GDP D . -9.07 -26.81 -12.02
C4 GDP D . -8.94 -25.52 -11.61
#